data_8QLV
#
_entry.id   8QLV
#
_cell.length_a   49.759
_cell.length_b   114.135
_cell.length_c   58.977
_cell.angle_alpha   90.000
_cell.angle_beta   107.660
_cell.angle_gamma   90.000
#
_symmetry.space_group_name_H-M   'P 1 21 1'
#
loop_
_entity.id
_entity.type
_entity.pdbx_description
1 polymer VAL-MET-VAL-LYS-GLY-PRO-GLY-PRO-GLY-ARG
2 polymer 'Oligopeptide-binding protein AliB'
3 water water
#
loop_
_entity_poly.entity_id
_entity_poly.type
_entity_poly.pdbx_seq_one_letter_code
_entity_poly.pdbx_strand_id
1 'polypeptide(L)' VMVKGPGPGR B
2 'polypeptide(L)'
;NSSTASKTYNYVYSSDPSSLNYLAENRAATSDIVANLVDGLLENDQYGNIIPSLAEDWTVSQDGLTYTYKLRKDAKWFTS
EGEEYAPVTAQDFVTGLQYAADKKSEALYLVQDSVAGLDDYITGKTSDFSTVGVKALDDQTVQYTLVKPELYWNSKTLAT
ILFPVNADFLKSKGDDFGKADPSSILYNGPFLMKALVSKSAIEYKKNPNYWDAKNVFVDDVKLTYYDGSDQESLERNFTA
GAYTTARLFPNSSSYEGIKEKYKNNIIYSMQNSTSYFFNFNLDRKSYNYTSKTSDIEKKSTQEAVLNKNFRQAINFAFDR
TSYGAQSEGKEGATKILRNLVVPPNFVSIKGKDFGEVVASKMVNYGKEWQGINFADGQDPYYNPEKAKAKFAEAKKELEA
KGVQFPIHLDKTVEVTDKVGIQGVSSIKQSIESVLGSDNVVIDIQQLTSDEFDSSGYFAQTAAQKDYDLYHGGWGPDYQD
PSTYLDIFNTNSGGFLQNLGLEPGEANDKAKAVGLDVYTQMLEEANKEQDPAKRYEKYADIQAWLIDSSLVLPSVSRGGT
PSLRRTVPFAAAYGLTGTKGVESYKYLKVQDKIVTTDEYAKAREKWLKEKEESNKKAQEELAKHVK
;
A
#
# COMPACT_ATOMS: atom_id res chain seq x y z
N VAL A 1 -0.77 -4.52 -0.88
CA VAL A 1 -2.05 -3.97 -0.42
C VAL A 1 -2.38 -2.68 -1.16
N MET A 2 -3.65 -2.50 -1.52
N MET A 2 -3.64 -2.52 -1.54
CA MET A 2 -4.10 -1.32 -2.24
CA MET A 2 -4.09 -1.31 -2.23
C MET A 2 -4.35 -0.18 -1.26
C MET A 2 -4.32 -0.19 -1.23
N VAL A 3 -3.65 0.94 -1.43
CA VAL A 3 -3.76 2.07 -0.51
C VAL A 3 -4.43 3.26 -1.19
N LYS A 4 -5.07 4.08 -0.35
CA LYS A 4 -5.62 5.38 -0.70
C LYS A 4 -4.73 6.47 -0.08
N GLY A 5 -5.13 7.73 -0.30
CA GLY A 5 -4.47 8.85 0.37
C GLY A 5 -3.33 9.46 -0.42
N PRO A 6 -2.23 9.82 0.28
CA PRO A 6 -2.03 9.67 1.72
C PRO A 6 -2.78 10.71 2.57
N GLY A 7 -3.25 10.29 3.74
CA GLY A 7 -3.89 11.17 4.67
C GLY A 7 -3.31 11.04 6.06
N PRO A 8 -3.80 11.84 7.02
CA PRO A 8 -3.30 11.75 8.39
C PRO A 8 -3.62 10.41 9.04
N GLY A 9 -2.59 9.62 9.31
CA GLY A 9 -2.73 8.34 9.97
C GLY A 9 -1.84 8.26 11.19
N ARG A 10 -1.45 7.04 11.52
CA ARG A 10 -0.53 6.80 12.62
C ARG A 10 0.83 7.45 12.35
N SER B 6 -6.55 4.84 33.09
CA SER B 6 -6.08 3.99 32.01
C SER B 6 -5.47 4.82 30.88
N LYS B 7 -4.73 4.14 30.00
CA LYS B 7 -3.98 4.79 28.92
C LYS B 7 -4.77 4.64 27.62
N THR B 8 -5.02 5.76 26.96
CA THR B 8 -5.80 5.77 25.73
C THR B 8 -5.03 6.50 24.64
N TYR B 9 -5.21 6.03 23.41
CA TYR B 9 -4.76 6.74 22.22
C TYR B 9 -5.97 7.28 21.50
N ASN B 10 -5.94 8.58 21.18
CA ASN B 10 -7.06 9.25 20.55
C ASN B 10 -6.57 10.01 19.33
N TYR B 11 -7.17 9.74 18.19
CA TYR B 11 -6.80 10.46 16.97
C TYR B 11 -7.92 10.33 15.95
N VAL B 12 -7.58 10.25 14.66
CA VAL B 12 -8.56 10.26 13.58
C VAL B 12 -8.30 9.09 12.62
N TYR B 13 -9.32 8.82 11.80
CA TYR B 13 -9.19 7.92 10.66
C TYR B 13 -9.94 8.56 9.50
N SER B 14 -9.59 8.16 8.29
CA SER B 14 -10.18 8.78 7.10
C SER B 14 -10.76 7.80 6.10
N SER B 15 -10.59 6.49 6.28
CA SER B 15 -11.07 5.50 5.32
CA SER B 15 -11.07 5.50 5.33
C SER B 15 -11.95 4.49 6.05
N ASP B 16 -13.26 4.49 5.73
CA ASP B 16 -14.14 3.44 6.20
C ASP B 16 -13.90 2.18 5.38
N PRO B 17 -13.99 1.01 5.98
CA PRO B 17 -13.82 -0.22 5.21
C PRO B 17 -15.10 -0.59 4.48
N SER B 18 -14.95 -1.27 3.35
CA SER B 18 -16.13 -1.84 2.71
C SER B 18 -16.57 -3.12 3.40
N SER B 19 -15.65 -3.77 4.10
CA SER B 19 -15.95 -4.99 4.86
C SER B 19 -14.79 -5.24 5.79
N LEU B 20 -14.96 -6.24 6.66
CA LEU B 20 -13.89 -6.76 7.50
C LEU B 20 -13.36 -8.08 6.98
N ASN B 21 -13.61 -8.40 5.70
CA ASN B 21 -13.30 -9.72 5.17
C ASN B 21 -11.83 -9.77 4.79
N TYR B 22 -11.00 -10.08 5.79
CA TYR B 22 -9.55 -10.12 5.60
C TYR B 22 -9.11 -11.26 4.70
N LEU B 23 -9.96 -12.24 4.43
CA LEU B 23 -9.58 -13.31 3.53
C LEU B 23 -9.86 -12.99 2.07
N ALA B 24 -10.79 -12.05 1.81
CA ALA B 24 -11.22 -11.74 0.45
C ALA B 24 -10.70 -10.41 -0.08
N GLU B 25 -10.31 -9.49 0.79
CA GLU B 25 -9.96 -8.13 0.41
C GLU B 25 -8.47 -7.95 0.22
N ASN B 26 -8.09 -7.07 -0.69
CA ASN B 26 -6.70 -6.60 -0.77
C ASN B 26 -6.56 -5.11 -0.46
N ARG B 27 -7.61 -4.47 0.05
CA ARG B 27 -7.57 -3.05 0.34
C ARG B 27 -7.10 -2.77 1.75
N ALA B 28 -6.23 -1.76 1.89
CA ALA B 28 -5.77 -1.34 3.21
C ALA B 28 -6.91 -0.87 4.08
N ALA B 29 -8.01 -0.39 3.49
CA ALA B 29 -9.15 0.02 4.30
C ALA B 29 -9.62 -1.11 5.20
N THR B 30 -9.46 -2.36 4.76
CA THR B 30 -9.78 -3.52 5.57
C THR B 30 -8.59 -3.97 6.42
N SER B 31 -7.41 -4.16 5.81
CA SER B 31 -6.30 -4.75 6.56
C SER B 31 -5.75 -3.81 7.64
N ASP B 32 -5.83 -2.49 7.45
CA ASP B 32 -5.39 -1.58 8.50
C ASP B 32 -6.18 -1.79 9.78
N ILE B 33 -7.46 -2.16 9.64
CA ILE B 33 -8.29 -2.43 10.82
C ILE B 33 -7.98 -3.82 11.37
N VAL B 34 -8.04 -4.83 10.50
CA VAL B 34 -7.93 -6.22 10.93
C VAL B 34 -6.57 -6.51 11.54
N ALA B 35 -5.55 -5.74 11.18
CA ALA B 35 -4.24 -5.86 11.82
C ALA B 35 -4.33 -5.84 13.33
N ASN B 36 -5.33 -5.15 13.88
CA ASN B 36 -5.48 -5.01 15.32
C ASN B 36 -6.36 -6.09 15.93
N LEU B 37 -7.02 -6.91 15.12
CA LEU B 37 -8.06 -7.82 15.57
C LEU B 37 -7.74 -9.28 15.36
N VAL B 38 -6.99 -9.61 14.32
CA VAL B 38 -6.67 -10.98 13.96
C VAL B 38 -5.17 -11.07 13.74
N ASP B 39 -4.54 -12.08 14.36
CA ASP B 39 -3.14 -12.38 14.16
C ASP B 39 -3.00 -13.56 13.22
N GLY B 40 -1.86 -13.61 12.52
CA GLY B 40 -1.43 -14.77 11.77
C GLY B 40 -0.26 -15.47 12.44
N LEU B 41 0.51 -16.18 11.61
CA LEU B 41 1.58 -17.04 12.15
C LEU B 41 2.71 -16.24 12.78
N LEU B 42 3.11 -15.13 12.15
CA LEU B 42 4.27 -14.34 12.54
C LEU B 42 3.89 -12.86 12.55
N GLU B 43 4.74 -12.03 13.17
CA GLU B 43 4.50 -10.58 13.22
C GLU B 43 5.83 -9.85 13.22
N ASN B 44 5.81 -8.56 13.52
CA ASN B 44 7.02 -7.74 13.56
C ASN B 44 7.32 -7.26 14.98
N ASP B 45 8.61 -7.07 15.24
CA ASP B 45 9.05 -6.34 16.42
C ASP B 45 9.25 -4.86 16.07
N GLN B 46 9.90 -4.10 16.95
CA GLN B 46 10.07 -2.67 16.73
C GLN B 46 11.10 -2.37 15.65
N TYR B 47 11.84 -3.37 15.19
CA TYR B 47 12.95 -3.17 14.25
C TYR B 47 12.69 -3.75 12.87
N GLY B 48 11.50 -4.28 12.61
CA GLY B 48 11.23 -4.90 11.34
C GLY B 48 11.64 -6.34 11.23
N ASN B 49 12.10 -6.96 12.31
CA ASN B 49 12.34 -8.40 12.28
C ASN B 49 11.01 -9.15 12.28
N ILE B 50 11.02 -10.33 11.70
CA ILE B 50 9.87 -11.23 11.74
C ILE B 50 10.01 -12.10 12.99
N ILE B 51 8.99 -12.06 13.85
CA ILE B 51 9.05 -12.68 15.17
C ILE B 51 7.82 -13.58 15.36
N PRO B 52 7.79 -14.43 16.38
CA PRO B 52 6.63 -15.30 16.57
C PRO B 52 5.34 -14.50 16.80
N SER B 53 4.25 -15.01 16.25
CA SER B 53 2.91 -14.53 16.59
C SER B 53 2.13 -15.75 17.05
N LEU B 54 1.13 -16.21 16.28
CA LEU B 54 0.45 -17.44 16.69
C LEU B 54 1.41 -18.63 16.67
N ALA B 55 2.36 -18.63 15.75
CA ALA B 55 3.36 -19.70 15.68
C ALA B 55 4.49 -19.38 16.65
N GLU B 56 4.69 -20.26 17.64
CA GLU B 56 5.80 -20.11 18.57
C GLU B 56 7.09 -20.69 18.03
N ASP B 57 7.02 -21.54 17.01
CA ASP B 57 8.20 -22.13 16.40
C ASP B 57 7.82 -22.51 14.97
N TRP B 58 8.84 -22.76 14.15
CA TRP B 58 8.61 -23.15 12.77
C TRP B 58 9.88 -23.80 12.23
N THR B 59 9.72 -24.55 11.15
CA THR B 59 10.85 -25.11 10.43
C THR B 59 10.61 -24.96 8.94
N VAL B 60 11.71 -25.01 8.18
CA VAL B 60 11.65 -25.16 6.73
C VAL B 60 12.53 -26.33 6.34
N SER B 61 12.04 -27.12 5.38
CA SER B 61 12.78 -28.27 4.89
C SER B 61 14.04 -27.83 4.14
N GLN B 62 14.99 -28.76 4.01
CA GLN B 62 16.25 -28.44 3.34
C GLN B 62 16.03 -28.00 1.90
N ASP B 63 15.01 -28.52 1.24
CA ASP B 63 14.77 -28.13 -0.16
C ASP B 63 13.95 -26.85 -0.28
N GLY B 64 13.57 -26.24 0.84
CA GLY B 64 12.86 -24.97 0.81
C GLY B 64 11.39 -25.05 0.49
N LEU B 65 10.82 -26.25 0.37
CA LEU B 65 9.45 -26.38 -0.11
C LEU B 65 8.43 -26.60 0.99
N THR B 66 8.82 -27.01 2.18
CA THR B 66 7.88 -27.36 3.23
C THR B 66 8.12 -26.51 4.46
N TYR B 67 7.11 -25.73 4.84
CA TYR B 67 7.16 -24.89 6.04
C TYR B 67 6.19 -25.46 7.05
N THR B 68 6.66 -25.68 8.28
CA THR B 68 5.84 -26.26 9.32
C THR B 68 5.84 -25.32 10.51
N TYR B 69 4.65 -25.02 11.04
CA TYR B 69 4.49 -24.05 12.12
C TYR B 69 3.84 -24.71 13.32
N LYS B 70 4.38 -24.45 14.51
CA LYS B 70 3.83 -24.94 15.77
C LYS B 70 3.08 -23.78 16.44
N LEU B 71 1.78 -23.94 16.61
CA LEU B 71 0.95 -22.90 17.19
C LEU B 71 0.98 -22.97 18.71
N ARG B 72 1.09 -21.81 19.35
CA ARG B 72 1.07 -21.78 20.81
C ARG B 72 -0.28 -22.22 21.36
N LYS B 73 -0.25 -22.95 22.49
CA LYS B 73 -1.48 -23.55 22.99
C LYS B 73 -2.42 -22.56 23.65
N ASP B 74 -1.95 -21.38 24.02
CA ASP B 74 -2.80 -20.44 24.74
C ASP B 74 -3.51 -19.43 23.83
N ALA B 75 -3.43 -19.59 22.51
CA ALA B 75 -4.09 -18.67 21.59
C ALA B 75 -5.54 -19.09 21.41
N LYS B 76 -6.47 -18.14 21.63
CA LYS B 76 -7.89 -18.41 21.53
C LYS B 76 -8.56 -17.40 20.60
N TRP B 77 -9.72 -17.81 20.08
CA TRP B 77 -10.63 -16.92 19.39
C TRP B 77 -11.63 -16.36 20.40
N PHE B 78 -11.96 -15.07 20.25
CA PHE B 78 -12.92 -14.39 21.10
C PHE B 78 -13.97 -13.71 20.24
N THR B 79 -15.18 -13.57 20.80
CA THR B 79 -16.17 -12.76 20.14
C THR B 79 -15.83 -11.27 20.31
N SER B 80 -16.57 -10.43 19.59
CA SER B 80 -16.39 -8.99 19.70
C SER B 80 -16.63 -8.49 21.11
N GLU B 81 -17.39 -9.22 21.92
CA GLU B 81 -17.63 -8.88 23.32
C GLU B 81 -16.56 -9.42 24.25
N GLY B 82 -15.60 -10.17 23.73
CA GLY B 82 -14.49 -10.67 24.53
C GLY B 82 -14.67 -12.06 25.09
N GLU B 83 -15.78 -12.73 24.80
CA GLU B 83 -16.00 -14.08 25.32
C GLU B 83 -15.24 -15.09 24.48
N GLU B 84 -14.65 -16.07 25.15
CA GLU B 84 -13.90 -17.08 24.43
C GLU B 84 -14.83 -17.94 23.57
N TYR B 85 -14.45 -18.15 22.31
CA TYR B 85 -15.22 -18.96 21.38
C TYR B 85 -14.63 -20.35 21.20
N ALA B 86 -13.31 -20.43 20.98
CA ALA B 86 -12.65 -21.70 20.72
C ALA B 86 -11.15 -21.45 20.69
N PRO B 87 -10.36 -22.48 20.94
CA PRO B 87 -8.91 -22.34 20.72
C PRO B 87 -8.62 -22.14 19.24
N VAL B 88 -7.53 -21.41 18.96
CA VAL B 88 -7.01 -21.39 17.60
C VAL B 88 -6.39 -22.75 17.32
N THR B 89 -6.69 -23.33 16.15
CA THR B 89 -6.15 -24.62 15.76
C THR B 89 -5.55 -24.54 14.37
N ALA B 90 -4.74 -25.56 14.06
CA ALA B 90 -4.11 -25.64 12.74
C ALA B 90 -5.16 -25.72 11.64
N GLN B 91 -6.29 -26.39 11.90
CA GLN B 91 -7.35 -26.48 10.91
C GLN B 91 -7.82 -25.08 10.48
N ASP B 92 -7.74 -24.08 11.37
CA ASP B 92 -8.18 -22.73 11.01
C ASP B 92 -7.37 -22.16 9.85
N PHE B 93 -6.13 -22.61 9.68
CA PHE B 93 -5.33 -22.16 8.54
C PHE B 93 -5.72 -22.87 7.25
N VAL B 94 -6.12 -24.14 7.35
CA VAL B 94 -6.72 -24.84 6.21
C VAL B 94 -8.01 -24.15 5.80
N THR B 95 -8.89 -23.87 6.77
CA THR B 95 -10.15 -23.19 6.50
C THR B 95 -9.93 -21.83 5.84
N GLY B 96 -8.96 -21.06 6.34
CA GLY B 96 -8.75 -19.73 5.79
C GLY B 96 -8.32 -19.77 4.34
N LEU B 97 -7.41 -20.68 3.99
CA LEU B 97 -6.92 -20.72 2.62
C LEU B 97 -7.98 -21.24 1.67
N GLN B 98 -8.75 -22.26 2.09
CA GLN B 98 -9.83 -22.74 1.24
C GLN B 98 -10.89 -21.67 1.03
N TYR B 99 -11.22 -20.91 2.07
CA TYR B 99 -12.22 -19.84 1.92
C TYR B 99 -11.71 -18.76 0.97
N ALA B 100 -10.45 -18.34 1.16
CA ALA B 100 -9.86 -17.35 0.24
C ALA B 100 -9.91 -17.83 -1.20
N ALA B 101 -9.64 -19.12 -1.43
CA ALA B 101 -9.71 -19.66 -2.78
C ALA B 101 -11.14 -19.70 -3.30
N ASP B 102 -12.08 -20.19 -2.47
CA ASP B 102 -13.46 -20.32 -2.91
C ASP B 102 -14.09 -18.96 -3.19
N LYS B 103 -13.70 -17.93 -2.43
CA LYS B 103 -14.24 -16.59 -2.59
C LYS B 103 -13.54 -15.79 -3.67
N LYS B 104 -12.52 -16.35 -4.31
CA LYS B 104 -11.74 -15.65 -5.32
C LYS B 104 -11.16 -14.36 -4.76
N SER B 105 -10.51 -14.50 -3.60
CA SER B 105 -9.95 -13.34 -2.90
C SER B 105 -9.17 -12.45 -3.84
N GLU B 106 -9.31 -11.13 -3.65
CA GLU B 106 -8.56 -10.18 -4.45
C GLU B 106 -7.07 -10.22 -4.17
N ALA B 107 -6.63 -10.93 -3.12
CA ALA B 107 -5.21 -11.06 -2.83
C ALA B 107 -4.66 -12.44 -3.20
N LEU B 108 -5.37 -13.20 -4.05
CA LEU B 108 -4.93 -14.57 -4.35
C LEU B 108 -3.55 -14.62 -5.00
N TYR B 109 -3.11 -13.54 -5.67
CA TYR B 109 -1.76 -13.55 -6.25
C TYR B 109 -0.68 -13.87 -5.23
N LEU B 110 -0.95 -13.65 -3.93
CA LEU B 110 0.06 -13.93 -2.91
C LEU B 110 0.30 -15.42 -2.74
N VAL B 111 -0.67 -16.27 -3.07
CA VAL B 111 -0.59 -17.69 -2.77
C VAL B 111 -0.87 -18.58 -3.96
N GLN B 112 -1.57 -18.11 -4.99
CA GLN B 112 -2.09 -19.00 -6.02
C GLN B 112 -0.99 -19.68 -6.82
N ASP B 113 0.14 -19.00 -7.02
CA ASP B 113 1.26 -19.57 -7.74
C ASP B 113 2.34 -20.13 -6.82
N SER B 114 2.13 -20.06 -5.51
CA SER B 114 3.13 -20.47 -4.52
C SER B 114 2.77 -21.78 -3.83
N VAL B 115 1.52 -21.95 -3.40
CA VAL B 115 1.13 -23.12 -2.64
C VAL B 115 0.81 -24.25 -3.62
N ALA B 116 1.41 -25.42 -3.39
CA ALA B 116 1.23 -26.55 -4.28
C ALA B 116 -0.25 -26.89 -4.42
N GLY B 117 -0.69 -27.13 -5.66
CA GLY B 117 -2.05 -27.54 -5.92
C GLY B 117 -3.08 -26.45 -5.87
N LEU B 118 -2.71 -25.24 -5.42
CA LEU B 118 -3.72 -24.21 -5.18
C LEU B 118 -4.27 -23.65 -6.50
N ASP B 119 -3.38 -23.42 -7.47
CA ASP B 119 -3.83 -22.93 -8.78
C ASP B 119 -4.79 -23.93 -9.42
N ASP B 120 -4.48 -25.22 -9.34
CA ASP B 120 -5.37 -26.24 -9.91
C ASP B 120 -6.75 -26.17 -9.26
N TYR B 121 -6.79 -26.03 -7.94
CA TYR B 121 -8.06 -25.97 -7.22
C TYR B 121 -8.85 -24.72 -7.60
N ILE B 122 -8.19 -23.55 -7.62
CA ILE B 122 -8.88 -22.30 -7.94
C ILE B 122 -9.45 -22.33 -9.35
N THR B 123 -8.68 -22.84 -10.30
CA THR B 123 -9.09 -22.80 -11.70
C THR B 123 -9.93 -24.00 -12.14
N GLY B 124 -10.23 -24.93 -11.23
CA GLY B 124 -11.13 -26.03 -11.54
C GLY B 124 -10.49 -27.23 -12.19
N LYS B 125 -9.15 -27.30 -12.24
CA LYS B 125 -8.50 -28.49 -12.76
C LYS B 125 -8.67 -29.67 -11.80
N THR B 126 -8.82 -29.38 -10.51
CA THR B 126 -9.09 -30.36 -9.47
C THR B 126 -10.24 -29.82 -8.63
N SER B 127 -10.91 -30.70 -7.90
CA SER B 127 -12.00 -30.27 -7.04
C SER B 127 -11.77 -30.57 -5.56
N ASP B 128 -10.63 -31.16 -5.20
CA ASP B 128 -10.38 -31.72 -3.88
C ASP B 128 -9.38 -30.81 -3.17
N PHE B 129 -9.82 -30.12 -2.12
CA PHE B 129 -8.87 -29.27 -1.39
C PHE B 129 -7.81 -30.09 -0.66
N SER B 130 -8.02 -31.39 -0.47
CA SER B 130 -6.99 -32.22 0.13
C SER B 130 -5.74 -32.33 -0.73
N THR B 131 -5.82 -31.93 -2.00
CA THR B 131 -4.66 -31.91 -2.89
C THR B 131 -3.91 -30.59 -2.83
N VAL B 132 -4.35 -29.65 -1.99
CA VAL B 132 -3.72 -28.34 -1.88
C VAL B 132 -2.74 -28.35 -0.71
N GLY B 133 -1.60 -27.68 -0.89
CA GLY B 133 -0.51 -27.70 0.06
C GLY B 133 -0.65 -26.91 1.35
N VAL B 134 -1.77 -27.07 2.06
CA VAL B 134 -1.89 -26.67 3.46
C VAL B 134 -2.56 -27.82 4.20
N LYS B 135 -1.95 -28.25 5.32
CA LYS B 135 -2.45 -29.39 6.06
C LYS B 135 -2.36 -29.09 7.55
N ALA B 136 -3.37 -29.54 8.30
CA ALA B 136 -3.30 -29.56 9.75
C ALA B 136 -2.79 -30.93 10.14
N LEU B 137 -1.51 -31.01 10.50
CA LEU B 137 -0.93 -32.30 10.87
C LEU B 137 -1.46 -32.77 12.21
N ASP B 138 -1.66 -31.86 13.15
CA ASP B 138 -2.43 -32.06 14.36
C ASP B 138 -3.00 -30.70 14.76
N ASP B 139 -3.60 -30.62 15.95
CA ASP B 139 -4.28 -29.38 16.32
C ASP B 139 -3.32 -28.20 16.41
N GLN B 140 -2.03 -28.45 16.66
CA GLN B 140 -1.08 -27.36 16.86
C GLN B 140 -0.10 -27.19 15.72
N THR B 141 -0.24 -27.94 14.63
CA THR B 141 0.82 -28.00 13.63
C THR B 141 0.23 -27.81 12.25
N VAL B 142 0.60 -26.71 11.58
CA VAL B 142 0.16 -26.45 10.21
C VAL B 142 1.36 -26.55 9.28
N GLN B 143 1.17 -27.19 8.14
CA GLN B 143 2.26 -27.43 7.19
C GLN B 143 1.85 -26.92 5.82
N TYR B 144 2.68 -26.05 5.25
CA TYR B 144 2.50 -25.57 3.88
C TYR B 144 3.54 -26.21 2.98
N THR B 145 3.11 -26.57 1.77
CA THR B 145 3.99 -27.13 0.75
C THR B 145 3.95 -26.21 -0.46
N LEU B 146 5.11 -25.71 -0.87
CA LEU B 146 5.22 -24.74 -1.95
C LEU B 146 5.65 -25.41 -3.25
N VAL B 147 5.41 -24.70 -4.35
CA VAL B 147 5.79 -25.18 -5.68
C VAL B 147 7.28 -24.98 -5.94
N LYS B 148 7.85 -23.92 -5.39
CA LYS B 148 9.26 -23.57 -5.54
C LYS B 148 9.67 -22.83 -4.29
N PRO B 149 10.96 -22.81 -3.95
CA PRO B 149 11.40 -22.09 -2.76
C PRO B 149 11.12 -20.60 -2.86
N GLU B 150 10.76 -20.02 -1.71
CA GLU B 150 10.52 -18.58 -1.60
C GLU B 150 11.16 -18.10 -0.32
N LEU B 151 12.31 -17.42 -0.44
CA LEU B 151 12.95 -16.88 0.75
C LEU B 151 12.07 -15.87 1.47
N TYR B 152 11.09 -15.30 0.76
CA TYR B 152 10.17 -14.30 1.30
C TYR B 152 8.86 -14.92 1.78
N TRP B 153 8.76 -16.25 1.81
CA TRP B 153 7.51 -16.89 2.20
C TRP B 153 7.07 -16.49 3.61
N ASN B 154 7.98 -16.55 4.58
CA ASN B 154 7.57 -16.19 5.94
C ASN B 154 7.05 -14.75 6.02
N SER B 155 7.62 -13.84 5.24
CA SER B 155 7.11 -12.47 5.24
C SER B 155 5.68 -12.40 4.72
N LYS B 156 5.29 -13.33 3.82
CA LYS B 156 3.92 -13.39 3.33
C LYS B 156 2.93 -13.72 4.43
N THR B 157 3.37 -14.39 5.50
CA THR B 157 2.43 -14.74 6.55
C THR B 157 1.93 -13.52 7.31
N LEU B 158 2.51 -12.35 7.09
CA LEU B 158 2.04 -11.11 7.67
C LEU B 158 0.97 -10.44 6.82
N ALA B 159 0.57 -11.07 5.72
CA ALA B 159 -0.54 -10.62 4.88
C ALA B 159 -1.81 -11.37 5.28
N THR B 160 -2.94 -10.67 5.26
CA THR B 160 -4.15 -11.21 5.89
C THR B 160 -4.72 -12.44 5.17
N ILE B 161 -4.36 -12.67 3.91
CA ILE B 161 -4.89 -13.83 3.21
C ILE B 161 -4.38 -15.13 3.82
N LEU B 162 -3.28 -15.06 4.59
CA LEU B 162 -2.73 -16.22 5.28
C LEU B 162 -3.12 -16.25 6.75
N PHE B 163 -4.14 -15.48 7.14
CA PHE B 163 -4.62 -15.51 8.51
C PHE B 163 -5.64 -16.62 8.68
N PRO B 164 -5.84 -17.11 9.90
CA PRO B 164 -6.77 -18.22 10.13
C PRO B 164 -8.20 -17.73 10.29
N VAL B 165 -9.13 -18.68 10.20
CA VAL B 165 -10.54 -18.45 10.52
C VAL B 165 -11.13 -19.75 11.05
N ASN B 166 -12.00 -19.64 12.05
CA ASN B 166 -12.67 -20.80 12.62
C ASN B 166 -13.81 -21.27 11.69
N ALA B 167 -13.78 -22.55 11.32
CA ALA B 167 -14.70 -23.06 10.30
C ALA B 167 -16.14 -23.07 10.81
N ASP B 168 -16.35 -23.35 12.09
CA ASP B 168 -17.72 -23.37 12.61
C ASP B 168 -18.33 -21.98 12.61
N PHE B 169 -17.56 -20.98 13.04
CA PHE B 169 -18.03 -19.61 12.99
C PHE B 169 -18.33 -19.19 11.56
N LEU B 170 -17.40 -19.50 10.64
CA LEU B 170 -17.58 -19.16 9.25
C LEU B 170 -18.85 -19.78 8.69
N LYS B 171 -19.08 -21.06 8.99
CA LYS B 171 -20.30 -21.71 8.52
C LYS B 171 -21.55 -21.06 9.12
N SER B 172 -21.50 -20.71 10.42
CA SER B 172 -22.68 -20.17 11.08
C SER B 172 -23.08 -18.82 10.51
N LYS B 173 -22.10 -18.05 10.01
CA LYS B 173 -22.32 -16.69 9.55
C LYS B 173 -22.71 -16.62 8.08
N GLY B 174 -22.25 -17.57 7.27
CA GLY B 174 -22.56 -17.56 5.85
C GLY B 174 -22.18 -16.24 5.20
N ASP B 175 -23.10 -15.69 4.41
CA ASP B 175 -22.85 -14.44 3.71
C ASP B 175 -22.65 -13.25 4.66
N ASP B 176 -22.99 -13.39 5.94
CA ASP B 176 -22.73 -12.32 6.89
C ASP B 176 -21.30 -12.29 7.39
N PHE B 177 -20.49 -13.30 7.09
CA PHE B 177 -19.11 -13.28 7.57
C PHE B 177 -18.37 -12.09 6.97
N GLY B 178 -17.63 -11.39 7.81
CA GLY B 178 -16.75 -10.34 7.34
C GLY B 178 -17.43 -9.06 6.88
N LYS B 179 -18.72 -8.88 7.13
CA LYS B 179 -19.34 -7.59 6.85
C LYS B 179 -18.76 -6.53 7.78
N ALA B 180 -19.06 -5.26 7.46
CA ALA B 180 -18.57 -4.12 8.25
C ALA B 180 -19.40 -3.96 9.53
N ASP B 181 -19.19 -4.90 10.45
CA ASP B 181 -19.93 -5.03 11.70
C ASP B 181 -19.02 -5.82 12.62
N PRO B 182 -18.73 -5.34 13.83
CA PRO B 182 -17.78 -6.05 14.69
C PRO B 182 -18.14 -7.50 14.97
N SER B 183 -19.41 -7.87 14.91
CA SER B 183 -19.80 -9.24 15.20
C SER B 183 -19.61 -10.18 14.01
N SER B 184 -19.10 -9.69 12.87
CA SER B 184 -19.00 -10.51 11.68
C SER B 184 -17.75 -11.37 11.62
N ILE B 185 -16.80 -11.17 12.54
CA ILE B 185 -15.56 -11.93 12.59
C ILE B 185 -15.32 -12.32 14.04
N LEU B 186 -14.41 -13.27 14.23
CA LEU B 186 -13.85 -13.54 15.54
C LEU B 186 -12.47 -12.92 15.67
N TYR B 187 -12.04 -12.79 16.92
CA TYR B 187 -10.89 -11.99 17.32
C TYR B 187 -9.86 -12.88 17.99
N ASN B 188 -8.62 -12.84 17.48
CA ASN B 188 -7.53 -13.50 18.20
C ASN B 188 -6.32 -12.60 18.38
N GLY B 189 -6.43 -11.30 18.10
CA GLY B 189 -5.32 -10.39 18.15
C GLY B 189 -5.36 -9.49 19.36
N PRO B 190 -4.58 -8.40 19.34
CA PRO B 190 -4.42 -7.58 20.54
C PRO B 190 -5.67 -6.83 20.98
N PHE B 191 -6.60 -6.52 20.07
CA PHE B 191 -7.75 -5.69 20.40
C PHE B 191 -9.05 -6.37 20.03
N LEU B 192 -10.11 -5.91 20.69
CA LEU B 192 -11.49 -6.13 20.28
C LEU B 192 -12.00 -4.84 19.67
N MET B 193 -12.93 -4.95 18.72
CA MET B 193 -13.49 -3.78 18.07
C MET B 193 -14.81 -3.43 18.76
N LYS B 194 -14.82 -2.31 19.46
CA LYS B 194 -15.99 -1.90 20.22
C LYS B 194 -16.94 -1.01 19.44
N ALA B 195 -16.43 -0.29 18.44
CA ALA B 195 -17.30 0.55 17.63
C ALA B 195 -16.75 0.63 16.21
N LEU B 196 -17.65 0.52 15.22
CA LEU B 196 -17.31 0.67 13.81
C LEU B 196 -18.52 1.36 13.20
N VAL B 197 -18.46 2.69 13.11
CA VAL B 197 -19.60 3.50 12.67
C VAL B 197 -19.14 4.30 11.46
N SER B 198 -19.83 4.11 10.34
CA SER B 198 -19.43 4.73 9.09
C SER B 198 -19.41 6.26 9.22
N LYS B 199 -18.35 6.87 8.72
CA LYS B 199 -18.19 8.33 8.74
C LYS B 199 -18.29 8.89 10.14
N SER B 200 -17.84 8.12 11.12
CA SER B 200 -17.97 8.56 12.50
C SER B 200 -16.82 8.08 13.38
N ALA B 201 -16.67 6.76 13.55
CA ALA B 201 -15.77 6.30 14.60
C ALA B 201 -15.30 4.89 14.35
N ILE B 202 -14.04 4.64 14.73
CA ILE B 202 -13.51 3.29 14.94
C ILE B 202 -12.92 3.28 16.33
N GLU B 203 -13.30 2.29 17.14
CA GLU B 203 -12.82 2.21 18.51
C GLU B 203 -12.36 0.79 18.80
N TYR B 204 -11.14 0.67 19.34
CA TYR B 204 -10.58 -0.61 19.77
C TYR B 204 -10.44 -0.61 21.29
N LYS B 205 -10.62 -1.80 21.87
CA LYS B 205 -10.42 -2.02 23.30
C LYS B 205 -9.43 -3.16 23.45
N LYS B 206 -8.43 -2.98 24.32
CA LYS B 206 -7.47 -4.04 24.57
C LYS B 206 -8.19 -5.30 25.04
N ASN B 207 -7.83 -6.45 24.46
CA ASN B 207 -8.39 -7.73 24.85
C ASN B 207 -7.54 -8.25 26.01
N PRO B 208 -8.07 -8.29 27.25
CA PRO B 208 -7.23 -8.69 28.39
C PRO B 208 -6.75 -10.13 28.32
N ASN B 209 -7.40 -10.97 27.52
CA ASN B 209 -7.11 -12.40 27.46
C ASN B 209 -6.33 -12.77 26.21
N TYR B 210 -5.86 -11.78 25.46
CA TYR B 210 -4.96 -12.03 24.34
C TYR B 210 -3.65 -12.64 24.86
N TRP B 211 -3.12 -13.59 24.09
CA TRP B 211 -1.91 -14.31 24.52
C TRP B 211 -0.75 -13.37 24.80
N ASP B 212 -0.69 -12.24 24.09
CA ASP B 212 0.42 -11.30 24.22
C ASP B 212 -0.07 -9.96 24.76
N ALA B 213 -1.08 -10.00 25.66
CA ALA B 213 -1.59 -8.77 26.26
C ALA B 213 -0.52 -7.95 26.95
N LYS B 214 0.55 -8.61 27.42
CA LYS B 214 1.64 -7.89 28.09
C LYS B 214 2.31 -6.87 27.18
N ASN B 215 2.12 -6.98 25.87
CA ASN B 215 2.72 -6.08 24.90
C ASN B 215 1.74 -5.06 24.35
N VAL B 216 0.58 -4.93 24.99
CA VAL B 216 -0.44 -3.95 24.61
C VAL B 216 -0.50 -2.92 25.74
N PHE B 217 -0.05 -1.70 25.46
CA PHE B 217 0.18 -0.69 26.48
C PHE B 217 -0.87 0.41 26.49
N VAL B 218 -1.84 0.35 25.58
CA VAL B 218 -3.01 1.21 25.64
C VAL B 218 -4.23 0.34 25.84
N ASP B 219 -5.15 0.81 26.67
CA ASP B 219 -6.39 0.06 26.90
C ASP B 219 -7.47 0.40 25.89
N ASP B 220 -7.42 1.58 25.27
CA ASP B 220 -8.44 1.98 24.31
C ASP B 220 -7.80 2.81 23.22
N VAL B 221 -8.26 2.60 21.99
CA VAL B 221 -7.86 3.38 20.82
C VAL B 221 -9.15 3.94 20.21
N LYS B 222 -9.27 5.26 20.15
CA LYS B 222 -10.48 5.90 19.67
C LYS B 222 -10.11 6.81 18.50
N LEU B 223 -10.75 6.57 17.34
CA LEU B 223 -10.46 7.31 16.12
C LEU B 223 -11.74 7.95 15.61
N THR B 224 -11.73 9.26 15.47
CA THR B 224 -12.87 9.99 14.93
C THR B 224 -12.67 10.23 13.45
N TYR B 225 -13.78 10.20 12.70
CA TYR B 225 -13.70 10.36 11.26
C TYR B 225 -13.23 11.76 10.88
N TYR B 226 -12.36 11.81 9.87
CA TYR B 226 -11.75 13.04 9.36
C TYR B 226 -11.93 13.06 7.86
N ASP B 227 -12.64 14.06 7.34
CA ASP B 227 -12.95 14.10 5.92
C ASP B 227 -12.08 15.06 5.12
N GLY B 228 -11.14 15.75 5.77
CA GLY B 228 -10.26 16.67 5.09
C GLY B 228 -10.74 18.10 5.01
N SER B 229 -11.94 18.39 5.48
CA SER B 229 -12.48 19.74 5.39
C SER B 229 -12.00 20.66 6.51
N ASP B 230 -11.37 20.11 7.56
CA ASP B 230 -10.96 20.90 8.73
C ASP B 230 -9.57 20.42 9.16
N GLN B 231 -8.57 20.70 8.33
CA GLN B 231 -7.22 20.22 8.60
C GLN B 231 -6.66 20.81 9.89
N GLU B 232 -7.07 22.03 10.26
CA GLU B 232 -6.59 22.63 11.49
C GLU B 232 -7.14 21.93 12.73
N SER B 233 -8.14 21.07 12.58
CA SER B 233 -8.71 20.39 13.74
C SER B 233 -7.72 19.45 14.40
N LEU B 234 -6.72 18.95 13.67
CA LEU B 234 -5.79 17.99 14.27
C LEU B 234 -4.95 18.66 15.33
N GLU B 235 -4.26 19.74 14.97
CA GLU B 235 -3.50 20.48 15.97
C GLU B 235 -4.42 21.09 17.02
N ARG B 236 -5.60 21.56 16.61
CA ARG B 236 -6.50 22.18 17.59
C ARG B 236 -6.89 21.21 18.69
N ASN B 237 -7.23 19.98 18.32
CA ASN B 237 -7.62 19.00 19.32
C ASN B 237 -6.43 18.43 20.07
N PHE B 238 -5.25 18.35 19.44
CA PHE B 238 -4.05 17.99 20.17
C PHE B 238 -3.74 19.02 21.25
N THR B 239 -3.77 20.30 20.89
CA THR B 239 -3.47 21.35 21.85
C THR B 239 -4.52 21.40 22.95
N ALA B 240 -5.76 21.10 22.63
CA ALA B 240 -6.82 21.04 23.62
C ALA B 240 -6.71 19.81 24.51
N GLY B 241 -5.81 18.89 24.18
CA GLY B 241 -5.58 17.70 24.98
C GLY B 241 -6.42 16.51 24.60
N ALA B 242 -7.14 16.57 23.48
CA ALA B 242 -8.05 15.50 23.08
C ALA B 242 -7.39 14.47 22.17
N TYR B 243 -6.38 14.86 21.40
CA TYR B 243 -5.68 13.94 20.52
C TYR B 243 -4.27 13.68 21.03
N THR B 244 -3.80 12.45 20.81
CA THR B 244 -2.46 12.04 21.22
C THR B 244 -1.39 12.52 20.26
N THR B 245 -1.77 12.84 19.03
CA THR B 245 -0.82 13.27 18.02
C THR B 245 -1.56 14.21 17.07
N ALA B 246 -0.81 14.92 16.23
CA ALA B 246 -1.43 15.79 15.24
C ALA B 246 -0.50 15.94 14.06
N ARG B 247 -1.00 15.63 12.86
CA ARG B 247 -0.27 15.98 11.65
C ARG B 247 -0.41 17.48 11.42
N LEU B 248 0.72 18.11 11.09
CA LEU B 248 0.76 19.56 10.86
C LEU B 248 0.74 19.87 9.37
N PHE B 249 0.09 20.97 9.03
CA PHE B 249 -0.04 21.40 7.63
C PHE B 249 0.59 22.77 7.47
N PRO B 250 1.85 22.86 7.02
CA PRO B 250 2.55 24.15 6.97
C PRO B 250 1.90 25.21 6.07
N ASN B 251 0.91 24.87 5.24
CA ASN B 251 0.25 25.90 4.43
C ASN B 251 -0.81 26.67 5.20
N SER B 252 -1.34 26.11 6.29
CA SER B 252 -2.39 26.77 7.05
C SER B 252 -1.94 28.17 7.44
N SER B 253 -2.89 29.10 7.47
CA SER B 253 -2.61 30.40 8.06
C SER B 253 -2.19 30.27 9.50
N SER B 254 -2.64 29.21 10.18
CA SER B 254 -2.34 28.95 11.58
C SER B 254 -0.91 28.47 11.80
N TYR B 255 -0.14 28.20 10.75
CA TYR B 255 1.13 27.51 10.97
C TYR B 255 2.17 28.39 11.64
N GLU B 256 2.17 29.69 11.36
CA GLU B 256 3.17 30.56 11.98
C GLU B 256 3.03 30.55 13.49
N GLY B 257 1.78 30.64 13.98
CA GLY B 257 1.56 30.57 15.41
C GLY B 257 1.87 29.19 15.97
N ILE B 258 1.58 28.15 15.19
CA ILE B 258 1.87 26.78 15.63
C ILE B 258 3.37 26.58 15.76
N LYS B 259 4.15 27.05 14.79
CA LYS B 259 5.58 26.84 14.84
C LYS B 259 6.24 27.63 15.97
N GLU B 260 5.68 28.78 16.35
CA GLU B 260 6.21 29.49 17.51
C GLU B 260 5.88 28.74 18.80
N LYS B 261 4.64 28.26 18.93
CA LYS B 261 4.23 27.59 20.15
C LYS B 261 4.95 26.26 20.33
N TYR B 262 5.20 25.57 19.23
CA TYR B 262 5.76 24.22 19.23
C TYR B 262 7.13 24.16 18.58
N LYS B 263 7.88 25.26 18.70
CA LYS B 263 9.17 25.40 18.04
C LYS B 263 10.12 24.25 18.32
N ASN B 264 10.04 23.66 19.51
CA ASN B 264 10.93 22.56 19.88
C ASN B 264 10.25 21.20 19.82
N ASN B 265 9.08 21.09 19.18
CA ASN B 265 8.30 19.86 19.23
C ASN B 265 7.97 19.27 17.88
N ILE B 266 8.29 19.94 16.79
CA ILE B 266 7.90 19.43 15.47
C ILE B 266 8.80 18.27 15.09
N ILE B 267 8.18 17.14 14.75
CA ILE B 267 8.87 15.90 14.44
C ILE B 267 8.53 15.49 13.02
N TYR B 268 9.55 15.18 12.23
CA TYR B 268 9.36 14.69 10.87
C TYR B 268 9.58 13.18 10.83
N SER B 269 8.63 12.47 10.24
CA SER B 269 8.76 11.03 10.10
C SER B 269 9.62 10.70 8.88
N MET B 270 10.14 9.48 8.86
CA MET B 270 10.86 8.98 7.70
C MET B 270 9.87 8.55 6.61
N GLN B 271 10.31 8.68 5.36
CA GLN B 271 9.55 8.10 4.27
C GLN B 271 9.53 6.59 4.42
N ASN B 272 8.41 5.96 4.05
CA ASN B 272 8.28 4.52 4.24
C ASN B 272 8.10 3.80 2.90
N SER B 273 7.81 2.51 2.97
CA SER B 273 7.82 1.67 1.79
C SER B 273 6.53 1.73 0.98
N THR B 274 5.54 2.50 1.40
CA THR B 274 4.33 2.69 0.59
C THR B 274 4.60 3.73 -0.49
N SER B 275 4.34 3.38 -1.75
CA SER B 275 4.63 4.25 -2.88
C SER B 275 3.35 4.61 -3.61
N TYR B 276 3.20 5.90 -3.93
CA TYR B 276 2.10 6.39 -4.75
C TYR B 276 2.63 6.79 -6.12
N PHE B 277 1.72 6.80 -7.10
CA PHE B 277 2.06 7.16 -8.47
C PHE B 277 0.76 7.50 -9.18
N PHE B 278 0.88 8.35 -10.21
CA PHE B 278 -0.24 8.54 -11.11
C PHE B 278 -0.23 7.47 -12.19
N ASN B 279 -1.42 7.08 -12.63
CA ASN B 279 -1.54 6.24 -13.81
C ASN B 279 -2.69 6.74 -14.68
N PHE B 280 -2.73 6.24 -15.91
CA PHE B 280 -3.77 6.55 -16.86
C PHE B 280 -4.79 5.42 -16.93
N ASN B 281 -6.03 5.79 -17.25
CA ASN B 281 -7.06 4.79 -17.57
C ASN B 281 -6.93 4.45 -19.04
N LEU B 282 -6.41 3.25 -19.33
CA LEU B 282 -6.09 2.84 -20.69
C LEU B 282 -7.30 2.33 -21.48
N ASP B 283 -8.46 2.18 -20.84
CA ASP B 283 -9.63 1.65 -21.53
C ASP B 283 -10.90 2.13 -20.85
N ARG B 284 -11.11 3.44 -20.82
CA ARG B 284 -12.18 4.02 -20.03
C ARG B 284 -13.55 3.69 -20.64
N LYS B 285 -14.47 3.26 -19.79
CA LYS B 285 -15.84 2.95 -20.22
C LYS B 285 -16.88 3.85 -19.61
N SER B 286 -16.61 4.47 -18.47
CA SER B 286 -17.61 5.20 -17.70
C SER B 286 -17.28 6.69 -17.74
N TYR B 287 -18.28 7.51 -18.09
CA TYR B 287 -18.11 8.94 -18.32
C TYR B 287 -19.13 9.76 -17.53
N ASN B 288 -19.44 9.34 -16.31
CA ASN B 288 -20.32 10.13 -15.46
C ASN B 288 -19.66 11.41 -14.96
N TYR B 289 -18.33 11.42 -14.85
CA TYR B 289 -17.60 12.55 -14.30
C TYR B 289 -16.59 13.00 -15.33
N THR B 290 -17.00 13.93 -16.20
CA THR B 290 -16.14 14.39 -17.28
C THR B 290 -16.54 15.80 -17.68
N SER B 291 -15.56 16.53 -18.22
CA SER B 291 -15.79 17.79 -18.90
C SER B 291 -15.83 17.64 -20.42
N LYS B 292 -15.53 16.46 -20.94
CA LYS B 292 -15.67 16.21 -22.37
C LYS B 292 -17.15 16.14 -22.72
N THR B 293 -17.50 16.65 -23.90
CA THR B 293 -18.88 16.67 -24.34
C THR B 293 -19.12 15.97 -25.67
N SER B 294 -18.08 15.42 -26.30
CA SER B 294 -18.23 14.85 -27.62
C SER B 294 -17.46 13.53 -27.69
N ASP B 295 -17.90 12.66 -28.61
CA ASP B 295 -17.17 11.42 -28.84
C ASP B 295 -15.76 11.68 -29.36
N ILE B 296 -15.58 12.74 -30.16
CA ILE B 296 -14.24 13.02 -30.68
C ILE B 296 -13.27 13.34 -29.54
N GLU B 297 -13.72 14.08 -28.53
CA GLU B 297 -12.85 14.35 -27.39
C GLU B 297 -12.54 13.06 -26.63
N LYS B 298 -13.57 12.23 -26.42
CA LYS B 298 -13.36 11.00 -25.67
C LYS B 298 -12.44 10.03 -26.42
N LYS B 299 -12.64 9.89 -27.73
CA LYS B 299 -11.76 9.02 -28.50
C LYS B 299 -10.35 9.60 -28.58
N SER B 300 -10.22 10.92 -28.64
CA SER B 300 -8.91 11.54 -28.67
C SER B 300 -8.12 11.23 -27.39
N THR B 301 -8.77 11.37 -26.24
CA THR B 301 -8.10 11.04 -24.98
C THR B 301 -7.78 9.55 -24.92
N GLN B 302 -8.69 8.70 -25.41
CA GLN B 302 -8.44 7.26 -25.43
C GLN B 302 -7.18 6.93 -26.24
N GLU B 303 -6.98 7.63 -27.35
CA GLU B 303 -5.78 7.40 -28.15
C GLU B 303 -4.54 7.95 -27.46
N ALA B 304 -4.66 9.14 -26.85
CA ALA B 304 -3.49 9.79 -26.29
C ALA B 304 -2.86 8.96 -25.18
N VAL B 305 -3.69 8.39 -24.29
CA VAL B 305 -3.15 7.67 -23.14
C VAL B 305 -2.40 6.41 -23.58
N LEU B 306 -2.68 5.89 -24.78
CA LEU B 306 -1.97 4.73 -25.30
C LEU B 306 -0.66 5.11 -25.97
N ASN B 307 -0.37 6.41 -26.12
CA ASN B 307 0.81 6.88 -26.81
C ASN B 307 1.93 7.10 -25.79
N LYS B 308 3.06 6.42 -25.99
CA LYS B 308 4.17 6.50 -25.04
C LYS B 308 4.73 7.91 -24.94
N ASN B 309 4.95 8.57 -26.08
CA ASN B 309 5.48 9.93 -26.04
C ASN B 309 4.57 10.87 -25.26
N PHE B 310 3.25 10.71 -25.41
CA PHE B 310 2.30 11.52 -24.67
C PHE B 310 2.46 11.30 -23.16
N ARG B 311 2.52 10.03 -22.74
CA ARG B 311 2.68 9.74 -21.31
C ARG B 311 4.00 10.29 -20.78
N GLN B 312 5.08 10.15 -21.56
CA GLN B 312 6.37 10.73 -21.15
C GLN B 312 6.29 12.25 -21.04
N ALA B 313 5.55 12.89 -21.96
CA ALA B 313 5.42 14.35 -21.90
C ALA B 313 4.71 14.79 -20.62
N ILE B 314 3.63 14.08 -20.25
CA ILE B 314 2.95 14.35 -18.99
C ILE B 314 3.93 14.17 -17.83
N ASN B 315 4.68 13.06 -17.85
CA ASN B 315 5.65 12.76 -16.80
C ASN B 315 6.63 13.93 -16.61
N PHE B 316 7.21 14.41 -17.72
CA PHE B 316 8.21 15.48 -17.63
C PHE B 316 7.59 16.84 -17.33
N ALA B 317 6.29 17.00 -17.52
CA ALA B 317 5.60 18.26 -17.22
C ALA B 317 5.06 18.32 -15.79
N PHE B 318 5.12 17.23 -15.03
CA PHE B 318 4.51 17.13 -13.70
C PHE B 318 5.55 17.56 -12.66
N ASP B 319 5.36 18.75 -12.09
CA ASP B 319 6.28 19.32 -11.12
C ASP B 319 5.98 18.71 -9.75
N ARG B 320 6.81 17.75 -9.32
CA ARG B 320 6.56 17.09 -8.05
C ARG B 320 6.82 18.00 -6.86
N THR B 321 7.77 18.94 -6.98
CA THR B 321 8.02 19.86 -5.87
C THR B 321 6.80 20.73 -5.60
N SER B 322 6.21 21.29 -6.66
CA SER B 322 5.00 22.08 -6.48
C SER B 322 3.88 21.23 -5.88
N TYR B 323 3.73 19.99 -6.34
CA TYR B 323 2.73 19.09 -5.79
C TYR B 323 2.94 18.87 -4.29
N GLY B 324 4.16 18.52 -3.90
CA GLY B 324 4.43 18.27 -2.49
C GLY B 324 4.25 19.52 -1.64
N ALA B 325 4.53 20.69 -2.20
CA ALA B 325 4.37 21.94 -1.45
C ALA B 325 2.93 22.18 -1.01
N GLN B 326 1.95 21.61 -1.72
CA GLN B 326 0.56 21.88 -1.37
C GLN B 326 0.19 21.31 -0.01
N SER B 327 0.82 20.20 0.38
CA SER B 327 0.57 19.61 1.68
C SER B 327 1.68 19.86 2.68
N GLU B 328 2.92 20.03 2.23
CA GLU B 328 4.07 20.12 3.12
C GLU B 328 4.62 21.52 3.27
N GLY B 329 4.12 22.49 2.50
CA GLY B 329 4.69 23.82 2.49
C GLY B 329 5.97 23.86 1.66
N LYS B 330 6.43 25.08 1.42
CA LYS B 330 7.52 25.25 0.46
C LYS B 330 8.81 24.59 0.94
N GLU B 331 9.09 24.64 2.24
CA GLU B 331 10.36 24.11 2.72
C GLU B 331 10.38 22.60 2.85
N GLY B 332 9.24 21.97 3.13
CA GLY B 332 9.15 20.53 3.21
C GLY B 332 8.66 19.86 1.95
N ALA B 333 8.57 20.60 0.84
CA ALA B 333 7.91 20.10 -0.36
C ALA B 333 8.53 18.81 -0.87
N THR B 334 9.85 18.67 -0.80
CA THR B 334 10.51 17.52 -1.38
C THR B 334 10.63 16.34 -0.42
N LYS B 335 10.25 16.52 0.86
CA LYS B 335 10.48 15.48 1.87
C LYS B 335 9.66 14.22 1.63
N ILE B 336 8.64 14.29 0.77
CA ILE B 336 7.73 13.17 0.54
C ILE B 336 7.91 12.53 -0.83
N LEU B 337 8.88 12.99 -1.62
CA LEU B 337 8.98 12.57 -3.02
C LEU B 337 9.51 11.16 -3.17
N ARG B 338 8.89 10.38 -4.05
CA ARG B 338 9.22 8.99 -4.30
C ARG B 338 9.22 8.81 -5.81
N ASN B 339 10.32 8.25 -6.33
CA ASN B 339 10.58 8.31 -7.77
C ASN B 339 10.60 6.95 -8.45
N LEU B 340 10.32 5.88 -7.71
CA LEU B 340 10.13 4.55 -8.26
C LEU B 340 8.92 3.95 -7.57
N VAL B 341 8.41 2.86 -8.12
CA VAL B 341 7.39 2.11 -7.40
C VAL B 341 8.01 1.31 -6.28
N VAL B 342 9.04 0.54 -6.61
CA VAL B 342 9.88 -0.09 -5.58
C VAL B 342 10.71 1.00 -4.92
N PRO B 343 10.67 1.16 -3.59
CA PRO B 343 11.52 2.18 -2.95
C PRO B 343 12.98 1.97 -3.30
N PRO B 344 13.75 3.04 -3.49
CA PRO B 344 15.13 2.88 -3.95
C PRO B 344 16.02 2.07 -3.02
N ASN B 345 15.70 1.99 -1.73
CA ASN B 345 16.47 1.18 -0.80
C ASN B 345 15.76 -0.11 -0.38
N PHE B 346 14.75 -0.54 -1.15
CA PHE B 346 13.94 -1.68 -0.71
C PHE B 346 14.78 -2.94 -0.60
N VAL B 347 15.69 -3.16 -1.56
CA VAL B 347 16.68 -4.23 -1.52
C VAL B 347 18.00 -3.66 -1.99
N SER B 348 19.06 -4.44 -1.80
CA SER B 348 20.39 -4.07 -2.25
C SER B 348 20.94 -5.21 -3.11
N ILE B 349 21.82 -4.85 -4.04
CA ILE B 349 22.51 -5.81 -4.89
C ILE B 349 24.00 -5.59 -4.64
N LYS B 350 24.61 -6.50 -3.87
CA LYS B 350 26.04 -6.43 -3.56
C LYS B 350 26.44 -5.04 -3.07
N GLY B 351 25.68 -4.52 -2.11
CA GLY B 351 25.99 -3.25 -1.49
C GLY B 351 25.42 -2.03 -2.18
N LYS B 352 24.88 -2.18 -3.38
CA LYS B 352 24.30 -1.06 -4.13
C LYS B 352 22.79 -1.12 -4.02
N ASP B 353 22.16 0.02 -3.72
CA ASP B 353 20.71 0.03 -3.55
C ASP B 353 19.98 -0.19 -4.88
N PHE B 354 18.76 -0.73 -4.77
CA PHE B 354 17.93 -1.03 -5.93
C PHE B 354 17.81 0.16 -6.87
N GLY B 355 17.57 1.35 -6.30
CA GLY B 355 17.39 2.54 -7.12
C GLY B 355 18.61 2.90 -7.95
N GLU B 356 19.81 2.66 -7.43
CA GLU B 356 21.01 2.91 -8.21
C GLU B 356 21.13 1.91 -9.37
N VAL B 357 20.73 0.66 -9.12
CA VAL B 357 20.75 -0.33 -10.19
C VAL B 357 19.72 0.02 -11.27
N VAL B 358 18.53 0.45 -10.87
CA VAL B 358 17.55 0.89 -11.86
C VAL B 358 18.11 2.04 -12.68
N ALA B 359 18.74 3.01 -12.02
CA ALA B 359 19.30 4.15 -12.75
C ALA B 359 20.34 3.69 -13.78
N SER B 360 21.15 2.68 -13.42
CA SER B 360 22.16 2.20 -14.36
C SER B 360 21.51 1.49 -15.55
N LYS B 361 20.36 0.83 -15.34
CA LYS B 361 19.65 0.20 -16.45
C LYS B 361 19.01 1.22 -17.39
N MET B 362 18.74 2.44 -16.92
CA MET B 362 18.09 3.43 -17.77
C MET B 362 18.95 3.84 -18.96
N VAL B 363 20.26 3.55 -18.92
CA VAL B 363 21.15 3.89 -20.02
C VAL B 363 20.69 3.31 -21.35
N ASN B 364 19.90 2.23 -21.30
CA ASN B 364 19.48 1.52 -22.50
C ASN B 364 18.05 1.85 -22.91
N TYR B 365 17.41 2.81 -22.24
CA TYR B 365 16.03 3.18 -22.53
C TYR B 365 15.90 4.57 -23.12
N GLY B 366 16.99 5.19 -23.59
CA GLY B 366 16.87 6.41 -24.36
C GLY B 366 17.48 7.66 -23.75
N LYS B 367 17.84 8.61 -24.60
CA LYS B 367 18.52 9.82 -24.15
C LYS B 367 17.66 10.65 -23.19
N GLU B 368 16.34 10.50 -23.24
CA GLU B 368 15.48 11.26 -22.33
C GLU B 368 15.68 10.89 -20.88
N TRP B 369 16.44 9.83 -20.58
CA TRP B 369 16.66 9.38 -19.21
C TRP B 369 18.10 9.56 -18.74
N GLN B 370 18.93 10.23 -19.54
CA GLN B 370 20.35 10.34 -19.23
C GLN B 370 20.55 11.04 -17.90
N GLY B 371 21.33 10.41 -17.03
CA GLY B 371 21.70 11.01 -15.75
C GLY B 371 20.63 10.95 -14.67
N ILE B 372 19.52 10.26 -14.89
CA ILE B 372 18.43 10.27 -13.92
C ILE B 372 18.90 9.65 -12.61
N ASN B 373 18.45 10.22 -11.50
CA ASN B 373 18.75 9.78 -10.14
C ASN B 373 17.42 9.49 -9.46
N PHE B 374 17.28 8.29 -8.90
CA PHE B 374 16.00 7.85 -8.32
C PHE B 374 15.93 8.00 -6.80
N ALA B 375 16.88 8.72 -6.16
CA ALA B 375 16.83 8.89 -4.72
C ALA B 375 15.50 9.50 -4.28
N ASP B 376 15.03 9.10 -3.10
CA ASP B 376 13.90 9.77 -2.49
C ASP B 376 14.25 11.24 -2.25
N GLY B 377 13.21 12.06 -2.14
CA GLY B 377 13.40 13.41 -1.61
C GLY B 377 13.87 14.45 -2.59
N GLN B 378 13.73 14.20 -3.90
CA GLN B 378 14.10 15.15 -4.94
C GLN B 378 13.27 14.80 -6.18
N ASP B 379 13.19 15.74 -7.12
CA ASP B 379 12.38 15.55 -8.33
C ASP B 379 13.28 15.43 -9.55
N PRO B 380 13.53 14.22 -10.05
CA PRO B 380 14.37 14.05 -11.24
C PRO B 380 13.58 14.04 -12.55
N TYR B 381 12.26 14.18 -12.48
CA TYR B 381 11.39 14.08 -13.65
C TYR B 381 11.12 15.42 -14.30
N TYR B 382 10.73 16.41 -13.50
CA TYR B 382 10.26 17.69 -14.04
C TYR B 382 11.33 18.32 -14.92
N ASN B 383 10.96 18.59 -16.17
CA ASN B 383 11.87 19.17 -17.13
C ASN B 383 11.04 19.72 -18.28
N PRO B 384 10.69 21.02 -18.24
CA PRO B 384 9.79 21.57 -19.27
C PRO B 384 10.29 21.41 -20.70
N GLU B 385 11.59 21.62 -20.94
CA GLU B 385 12.09 21.50 -22.31
C GLU B 385 11.94 20.08 -22.83
N LYS B 386 12.25 19.08 -22.00
CA LYS B 386 12.09 17.70 -22.40
C LYS B 386 10.62 17.35 -22.62
N ALA B 387 9.75 17.87 -21.75
CA ALA B 387 8.32 17.60 -21.88
C ALA B 387 7.77 18.16 -23.18
N LYS B 388 8.16 19.39 -23.53
CA LYS B 388 7.67 19.98 -24.76
C LYS B 388 8.15 19.20 -25.98
N ALA B 389 9.39 18.73 -25.95
CA ALA B 389 9.93 17.97 -27.08
C ALA B 389 9.21 16.64 -27.25
N LYS B 390 8.95 15.93 -26.14
CA LYS B 390 8.22 14.68 -26.24
C LYS B 390 6.80 14.92 -26.71
N PHE B 391 6.19 16.02 -26.25
CA PHE B 391 4.82 16.29 -26.66
C PHE B 391 4.73 16.55 -28.15
N ALA B 392 5.72 17.26 -28.70
CA ALA B 392 5.72 17.51 -30.14
C ALA B 392 5.73 16.21 -30.93
N GLU B 393 6.49 15.22 -30.48
CA GLU B 393 6.50 13.92 -31.13
C GLU B 393 5.14 13.24 -30.99
N ALA B 394 4.58 13.24 -29.77
CA ALA B 394 3.27 12.64 -29.55
C ALA B 394 2.21 13.31 -30.42
N LYS B 395 2.27 14.63 -30.53
CA LYS B 395 1.24 15.34 -31.28
C LYS B 395 1.28 14.96 -32.76
N LYS B 396 2.48 14.82 -33.34
CA LYS B 396 2.58 14.39 -34.73
C LYS B 396 2.00 13.00 -34.92
N GLU B 397 2.31 12.08 -34.00
CA GLU B 397 1.80 10.71 -34.11
C GLU B 397 0.29 10.67 -33.95
N LEU B 398 -0.23 11.45 -33.00
CA LEU B 398 -1.66 11.43 -32.68
C LEU B 398 -2.48 12.17 -33.73
N GLU B 399 -2.00 13.32 -34.23
CA GLU B 399 -2.72 14.01 -35.29
C GLU B 399 -2.90 13.14 -36.52
N ALA B 400 -1.93 12.26 -36.81
CA ALA B 400 -2.06 11.39 -37.98
C ALA B 400 -3.20 10.41 -37.85
N LYS B 401 -3.63 10.12 -36.62
CA LYS B 401 -4.78 9.27 -36.36
C LYS B 401 -6.07 10.05 -36.30
N GLY B 402 -6.03 11.37 -36.51
CA GLY B 402 -7.23 12.20 -36.40
C GLY B 402 -7.53 12.71 -35.02
N VAL B 403 -6.58 12.60 -34.08
CA VAL B 403 -6.81 13.04 -32.71
C VAL B 403 -6.93 14.55 -32.65
N GLN B 404 -7.89 15.03 -31.86
CA GLN B 404 -8.14 16.46 -31.69
C GLN B 404 -7.47 16.95 -30.41
N PHE B 405 -6.90 18.16 -30.47
CA PHE B 405 -6.24 18.76 -29.33
C PHE B 405 -6.96 20.03 -28.93
N PRO B 406 -6.92 20.41 -27.64
CA PRO B 406 -6.18 19.76 -26.55
C PRO B 406 -6.75 18.42 -26.08
N ILE B 407 -5.89 17.59 -25.51
CA ILE B 407 -6.33 16.36 -24.85
C ILE B 407 -6.86 16.73 -23.46
N HIS B 408 -8.11 16.35 -23.18
CA HIS B 408 -8.70 16.57 -21.87
C HIS B 408 -8.52 15.32 -21.01
N LEU B 409 -7.96 15.49 -19.82
CA LEU B 409 -7.76 14.40 -18.86
C LEU B 409 -8.53 14.69 -17.59
N ASP B 410 -9.48 13.81 -17.26
CA ASP B 410 -10.26 13.94 -16.02
C ASP B 410 -9.49 13.38 -14.83
N LYS B 411 -9.43 14.15 -13.74
CA LYS B 411 -8.88 13.69 -12.47
C LYS B 411 -9.90 13.98 -11.39
N THR B 412 -10.20 12.98 -10.56
CA THR B 412 -11.20 13.19 -9.51
C THR B 412 -10.55 13.60 -8.20
N VAL B 413 -11.38 14.17 -7.31
CA VAL B 413 -10.95 14.52 -5.97
C VAL B 413 -12.20 14.68 -5.13
N GLU B 414 -12.08 14.41 -3.83
CA GLU B 414 -13.23 14.57 -2.95
C GLU B 414 -13.49 16.04 -2.66
N VAL B 415 -14.76 16.43 -2.68
CA VAL B 415 -15.13 17.83 -2.46
C VAL B 415 -14.68 18.31 -1.09
N THR B 416 -14.66 17.43 -0.08
CA THR B 416 -14.25 17.84 1.26
C THR B 416 -12.75 17.86 1.44
N ASP B 417 -11.98 17.29 0.52
CA ASP B 417 -10.55 17.07 0.70
C ASP B 417 -9.79 18.32 0.25
N LYS B 418 -9.72 19.30 1.15
CA LYS B 418 -9.19 20.61 0.78
C LYS B 418 -7.71 20.53 0.36
N VAL B 419 -6.89 19.79 1.09
CA VAL B 419 -5.49 19.64 0.70
C VAL B 419 -5.37 18.89 -0.62
N GLY B 420 -6.21 17.87 -0.82
CA GLY B 420 -6.17 17.12 -2.06
C GLY B 420 -6.57 17.97 -3.26
N ILE B 421 -7.53 18.88 -3.06
CA ILE B 421 -7.90 19.82 -4.12
C ILE B 421 -6.72 20.71 -4.49
N GLN B 422 -5.96 21.18 -3.50
CA GLN B 422 -4.79 21.99 -3.82
C GLN B 422 -3.74 21.17 -4.56
N GLY B 423 -3.59 19.90 -4.19
CA GLY B 423 -2.64 19.05 -4.90
C GLY B 423 -3.00 18.85 -6.36
N VAL B 424 -4.28 18.52 -6.62
CA VAL B 424 -4.69 18.32 -8.01
C VAL B 424 -4.67 19.63 -8.79
N SER B 425 -4.97 20.75 -8.12
CA SER B 425 -4.82 22.05 -8.77
C SER B 425 -3.39 22.29 -9.17
N SER B 426 -2.44 21.85 -8.34
CA SER B 426 -1.02 22.00 -8.66
C SER B 426 -0.64 21.23 -9.92
N ILE B 427 -1.10 19.98 -10.06
CA ILE B 427 -0.73 19.21 -11.24
C ILE B 427 -1.38 19.81 -12.49
N LYS B 428 -2.62 20.30 -12.38
CA LYS B 428 -3.24 20.99 -13.49
C LYS B 428 -2.39 22.17 -13.93
N GLN B 429 -1.99 23.01 -12.97
CA GLN B 429 -1.21 24.20 -13.30
CA GLN B 429 -1.21 24.20 -13.30
C GLN B 429 0.14 23.84 -13.90
N SER B 430 0.80 22.82 -13.36
CA SER B 430 2.13 22.46 -13.87
CA SER B 430 2.12 22.47 -13.87
C SER B 430 2.03 21.92 -15.29
N ILE B 431 1.14 20.96 -15.52
CA ILE B 431 1.05 20.33 -16.83
C ILE B 431 0.59 21.34 -17.88
N GLU B 432 -0.42 22.14 -17.55
CA GLU B 432 -0.93 23.10 -18.52
C GLU B 432 0.07 24.21 -18.77
N SER B 433 0.83 24.63 -17.74
CA SER B 433 1.82 25.67 -17.94
C SER B 433 2.93 25.21 -18.88
N VAL B 434 3.38 23.97 -18.72
CA VAL B 434 4.51 23.47 -19.50
C VAL B 434 4.09 23.14 -20.92
N LEU B 435 2.99 22.40 -21.06
CA LEU B 435 2.59 21.89 -22.37
C LEU B 435 1.66 22.82 -23.13
N GLY B 436 0.96 23.72 -22.44
CA GLY B 436 0.01 24.60 -23.09
C GLY B 436 -1.41 24.08 -23.00
N SER B 437 -2.35 24.93 -22.63
CA SER B 437 -3.75 24.50 -22.55
C SER B 437 -4.36 24.29 -23.92
N ASP B 438 -3.68 24.70 -25.00
CA ASP B 438 -4.06 24.27 -26.34
C ASP B 438 -3.63 22.84 -26.63
N ASN B 439 -2.86 22.22 -25.75
CA ASN B 439 -2.37 20.85 -25.94
C ASN B 439 -2.91 19.87 -24.93
N VAL B 440 -2.94 20.23 -23.64
CA VAL B 440 -3.47 19.37 -22.59
C VAL B 440 -4.28 20.24 -21.63
N VAL B 441 -5.44 19.71 -21.20
CA VAL B 441 -6.25 20.30 -20.14
C VAL B 441 -6.49 19.23 -19.11
N ILE B 442 -6.21 19.54 -17.84
CA ILE B 442 -6.55 18.66 -16.73
C ILE B 442 -7.86 19.16 -16.15
N ASP B 443 -8.91 18.37 -16.29
CA ASP B 443 -10.24 18.73 -15.81
C ASP B 443 -10.45 18.08 -14.45
N ILE B 444 -10.53 18.91 -13.41
CA ILE B 444 -10.70 18.43 -12.04
C ILE B 444 -12.18 18.21 -11.77
N GLN B 445 -12.55 17.00 -11.38
CA GLN B 445 -13.93 16.64 -11.04
C GLN B 445 -14.00 16.48 -9.52
N GLN B 446 -14.65 17.43 -8.84
CA GLN B 446 -14.85 17.35 -7.41
C GLN B 446 -16.12 16.54 -7.14
N LEU B 447 -15.98 15.46 -6.37
CA LEU B 447 -17.03 14.47 -6.20
C LEU B 447 -17.40 14.32 -4.74
N THR B 448 -18.62 13.86 -4.49
CA THR B 448 -18.98 13.48 -3.15
C THR B 448 -18.24 12.22 -2.74
N SER B 449 -18.29 11.91 -1.44
CA SER B 449 -17.65 10.70 -0.94
C SER B 449 -18.12 9.46 -1.69
N ASP B 450 -19.44 9.31 -1.86
CA ASP B 450 -19.96 8.12 -2.52
C ASP B 450 -19.53 8.05 -3.98
N GLU B 451 -19.56 9.18 -4.68
CA GLU B 451 -19.13 9.21 -6.08
C GLU B 451 -17.64 8.92 -6.20
N PHE B 452 -16.84 9.50 -5.31
CA PHE B 452 -15.40 9.28 -5.34
C PHE B 452 -15.06 7.83 -5.07
N ASP B 453 -15.77 7.21 -4.11
CA ASP B 453 -15.52 5.82 -3.75
C ASP B 453 -15.86 4.89 -4.91
N SER B 454 -17.05 5.08 -5.50
CA SER B 454 -17.57 4.12 -6.46
C SER B 454 -16.93 4.23 -7.82
N SER B 455 -16.30 5.36 -8.13
CA SER B 455 -15.60 5.54 -9.39
C SER B 455 -14.11 5.27 -9.28
N GLY B 456 -13.62 4.96 -8.09
CA GLY B 456 -12.20 4.78 -7.87
C GLY B 456 -11.86 3.59 -7.00
N TYR B 457 -11.47 3.88 -5.75
CA TYR B 457 -10.89 2.86 -4.89
C TYR B 457 -11.82 1.68 -4.66
N PHE B 458 -13.13 1.94 -4.57
CA PHE B 458 -14.10 0.90 -4.29
C PHE B 458 -14.90 0.48 -5.52
N ALA B 459 -14.52 0.96 -6.70
CA ALA B 459 -15.11 0.44 -7.92
C ALA B 459 -14.84 -1.06 -7.99
N GLN B 460 -15.84 -1.82 -8.43
CA GLN B 460 -15.68 -3.27 -8.40
C GLN B 460 -15.23 -3.86 -9.73
N THR B 461 -15.26 -3.08 -10.81
CA THR B 461 -14.75 -3.52 -12.11
C THR B 461 -13.97 -2.39 -12.74
N ALA B 462 -13.15 -2.75 -13.75
CA ALA B 462 -12.44 -1.73 -14.51
C ALA B 462 -13.41 -0.80 -15.24
N ALA B 463 -14.56 -1.32 -15.66
CA ALA B 463 -15.52 -0.51 -16.42
C ALA B 463 -16.12 0.61 -15.59
N GLN B 464 -16.11 0.48 -14.27
CA GLN B 464 -16.66 1.52 -13.40
C GLN B 464 -15.65 2.62 -13.07
N LYS B 465 -14.39 2.46 -13.47
CA LYS B 465 -13.40 3.50 -13.21
C LYS B 465 -13.71 4.70 -14.08
N ASP B 466 -14.00 5.84 -13.46
CA ASP B 466 -14.56 7.01 -14.14
C ASP B 466 -13.58 8.17 -13.96
N TYR B 467 -12.54 8.19 -14.80
CA TYR B 467 -11.45 9.15 -14.75
C TYR B 467 -10.51 8.80 -15.90
N ASP B 468 -9.62 9.73 -16.23
CA ASP B 468 -8.50 9.44 -17.12
C ASP B 468 -7.18 9.32 -16.38
N LEU B 469 -7.03 10.01 -15.25
CA LEU B 469 -5.85 9.96 -14.41
C LEU B 469 -6.26 9.48 -13.04
N TYR B 470 -5.44 8.63 -12.44
CA TYR B 470 -5.69 8.09 -11.11
C TYR B 470 -4.44 8.30 -10.27
N HIS B 471 -4.62 8.48 -8.96
CA HIS B 471 -3.51 8.64 -8.02
C HIS B 471 -3.73 7.71 -6.84
N GLY B 472 -3.27 6.47 -6.98
CA GLY B 472 -3.36 5.51 -5.91
C GLY B 472 -1.97 5.06 -5.52
N GLY B 473 -1.89 4.00 -4.72
CA GLY B 473 -0.58 3.56 -4.27
C GLY B 473 -0.59 2.10 -3.88
N TRP B 474 0.59 1.61 -3.55
CA TRP B 474 0.77 0.22 -3.20
C TRP B 474 1.61 0.11 -1.94
N GLY B 475 1.14 -0.67 -0.97
CA GLY B 475 1.95 -1.07 0.16
C GLY B 475 2.42 -2.50 -0.06
N PRO B 476 3.72 -2.76 0.18
CA PRO B 476 4.26 -4.08 -0.11
C PRO B 476 3.70 -5.15 0.82
N ASP B 477 3.47 -6.33 0.26
CA ASP B 477 2.91 -7.46 0.99
C ASP B 477 3.97 -8.45 1.46
N TYR B 478 5.14 -8.47 0.84
CA TYR B 478 6.19 -9.42 1.18
C TYR B 478 7.51 -8.87 0.67
N GLN B 479 8.61 -9.46 1.14
CA GLN B 479 9.94 -8.87 1.00
CA GLN B 479 9.95 -8.86 1.00
C GLN B 479 10.61 -9.32 -0.29
N ASP B 480 10.11 -8.78 -1.42
CA ASP B 480 10.68 -9.06 -2.73
C ASP B 480 10.18 -7.97 -3.66
N PRO B 481 10.99 -7.49 -4.61
CA PRO B 481 10.50 -6.45 -5.53
C PRO B 481 9.25 -6.84 -6.32
N SER B 482 9.00 -8.14 -6.50
CA SER B 482 7.80 -8.57 -7.22
C SER B 482 6.51 -8.10 -6.55
N THR B 483 6.49 -7.86 -5.23
CA THR B 483 5.25 -7.42 -4.63
C THR B 483 4.76 -6.13 -5.28
N TYR B 484 5.69 -5.24 -5.63
CA TYR B 484 5.33 -4.00 -6.32
C TYR B 484 5.16 -4.23 -7.81
N LEU B 485 6.16 -4.86 -8.45
CA LEU B 485 6.18 -4.86 -9.90
C LEU B 485 5.15 -5.80 -10.51
N ASP B 486 4.68 -6.80 -9.78
CA ASP B 486 3.66 -7.70 -10.32
C ASP B 486 2.30 -7.04 -10.48
N ILE B 487 2.07 -5.87 -9.86
CA ILE B 487 0.71 -5.33 -9.81
C ILE B 487 0.19 -4.87 -11.16
N PHE B 488 1.04 -4.78 -12.17
CA PHE B 488 0.62 -4.41 -13.52
C PHE B 488 0.65 -5.59 -14.48
N ASN B 489 0.91 -6.80 -14.01
CA ASN B 489 0.95 -7.93 -14.92
C ASN B 489 -0.45 -8.27 -15.42
N THR B 490 -0.55 -8.68 -16.68
CA THR B 490 -1.86 -8.82 -17.31
C THR B 490 -2.61 -10.06 -16.85
N ASN B 491 -1.94 -11.03 -16.23
CA ASN B 491 -2.63 -12.24 -15.77
C ASN B 491 -3.36 -12.02 -14.44
N SER B 492 -2.75 -11.31 -13.51
CA SER B 492 -3.34 -11.22 -12.17
C SER B 492 -2.98 -9.94 -11.44
N GLY B 493 -2.48 -8.91 -12.13
CA GLY B 493 -2.02 -7.71 -11.46
C GLY B 493 -3.07 -7.02 -10.62
N GLY B 494 -2.77 -6.77 -9.35
CA GLY B 494 -3.74 -6.12 -8.47
C GLY B 494 -4.14 -4.72 -8.89
N PHE B 495 -3.31 -4.05 -9.68
CA PHE B 495 -3.56 -2.68 -10.08
C PHE B 495 -4.16 -2.58 -11.48
N LEU B 496 -4.43 -3.71 -12.15
CA LEU B 496 -4.92 -3.67 -13.53
C LEU B 496 -6.21 -2.88 -13.65
N GLN B 497 -7.17 -3.10 -12.75
CA GLN B 497 -8.45 -2.42 -12.87
C GLN B 497 -8.29 -0.90 -12.80
N ASN B 498 -7.34 -0.41 -12.00
CA ASN B 498 -7.10 1.03 -11.95
C ASN B 498 -6.59 1.58 -13.26
N LEU B 499 -5.97 0.74 -14.09
CA LEU B 499 -5.55 1.11 -15.43
C LEU B 499 -6.65 0.86 -16.45
N GLY B 500 -7.84 0.47 -16.02
CA GLY B 500 -8.92 0.15 -16.93
C GLY B 500 -8.86 -1.24 -17.54
N LEU B 501 -8.01 -2.12 -17.03
CA LEU B 501 -7.82 -3.45 -17.59
C LEU B 501 -8.36 -4.50 -16.63
N GLU B 502 -8.66 -5.68 -17.19
CA GLU B 502 -9.12 -6.78 -16.36
C GLU B 502 -8.12 -7.93 -16.42
N PRO B 503 -7.83 -8.58 -15.29
CA PRO B 503 -6.95 -9.75 -15.32
C PRO B 503 -7.47 -10.83 -16.26
N GLY B 504 -6.57 -11.42 -17.03
CA GLY B 504 -6.91 -12.42 -18.02
C GLY B 504 -6.07 -12.24 -19.26
N GLU B 505 -6.59 -12.67 -20.40
CA GLU B 505 -5.89 -12.45 -21.66
C GLU B 505 -5.74 -10.95 -21.91
N ALA B 506 -4.53 -10.54 -22.28
CA ALA B 506 -4.25 -9.13 -22.52
C ALA B 506 -5.01 -8.65 -23.75
N ASN B 507 -5.79 -7.59 -23.59
CA ASN B 507 -6.57 -7.07 -24.72
C ASN B 507 -5.71 -6.15 -25.58
N ASP B 508 -6.34 -5.55 -26.59
CA ASP B 508 -5.57 -4.75 -27.55
C ASP B 508 -4.97 -3.52 -26.91
N LYS B 509 -5.61 -2.94 -25.89
CA LYS B 509 -5.04 -1.80 -25.19
C LYS B 509 -3.80 -2.21 -24.40
N ALA B 510 -3.86 -3.34 -23.71
CA ALA B 510 -2.71 -3.81 -22.95
C ALA B 510 -1.52 -4.09 -23.87
N LYS B 511 -1.78 -4.71 -25.03
CA LYS B 511 -0.71 -4.97 -25.97
C LYS B 511 -0.20 -3.69 -26.61
N ALA B 512 -1.08 -2.70 -26.83
CA ALA B 512 -0.65 -1.44 -27.44
C ALA B 512 0.43 -0.76 -26.60
N VAL B 513 0.36 -0.89 -25.27
CA VAL B 513 1.32 -0.23 -24.39
C VAL B 513 2.41 -1.17 -23.91
N GLY B 514 2.40 -2.43 -24.34
CA GLY B 514 3.48 -3.34 -24.03
C GLY B 514 3.36 -4.10 -22.72
N LEU B 515 2.21 -4.08 -22.08
CA LEU B 515 2.07 -4.79 -20.81
C LEU B 515 2.14 -6.30 -20.97
N ASP B 516 1.90 -6.83 -22.18
CA ASP B 516 2.16 -8.24 -22.43
C ASP B 516 3.65 -8.55 -22.34
N VAL B 517 4.49 -7.67 -22.89
CA VAL B 517 5.93 -7.85 -22.81
C VAL B 517 6.39 -7.70 -21.36
N TYR B 518 5.87 -6.69 -20.65
CA TYR B 518 6.17 -6.50 -19.24
C TYR B 518 5.86 -7.76 -18.45
N THR B 519 4.73 -8.40 -18.75
CA THR B 519 4.32 -9.60 -18.03
C THR B 519 5.27 -10.77 -18.29
N GLN B 520 5.71 -10.93 -19.54
CA GLN B 520 6.69 -11.97 -19.85
C GLN B 520 8.01 -11.71 -19.13
N MET B 521 8.43 -10.46 -19.04
CA MET B 521 9.64 -10.12 -18.28
C MET B 521 9.50 -10.53 -16.82
N LEU B 522 8.36 -10.23 -16.21
CA LEU B 522 8.15 -10.62 -14.81
C LEU B 522 8.26 -12.12 -14.64
N GLU B 523 7.69 -12.90 -15.57
CA GLU B 523 7.74 -14.35 -15.46
C GLU B 523 9.18 -14.85 -15.49
N GLU B 524 10.02 -14.24 -16.33
CA GLU B 524 11.41 -14.68 -16.41
C GLU B 524 12.19 -14.31 -15.17
N ALA B 525 11.99 -13.09 -14.65
CA ALA B 525 12.67 -12.67 -13.43
C ALA B 525 12.27 -13.55 -12.25
N ASN B 526 11.00 -13.93 -12.18
CA ASN B 526 10.53 -14.70 -11.03
C ASN B 526 11.19 -16.06 -10.93
N LYS B 527 11.67 -16.59 -12.06
CA LYS B 527 12.32 -17.89 -12.04
C LYS B 527 13.71 -17.84 -11.40
N GLU B 528 14.30 -16.65 -11.28
CA GLU B 528 15.66 -16.52 -10.76
C GLU B 528 15.65 -16.64 -9.25
N GLN B 529 16.46 -17.57 -8.73
CA GLN B 529 16.52 -17.85 -7.30
C GLN B 529 17.67 -17.15 -6.59
N ASP B 530 18.73 -16.79 -7.29
CA ASP B 530 19.82 -16.07 -6.67
C ASP B 530 19.37 -14.64 -6.40
N PRO B 531 19.41 -14.16 -5.15
CA PRO B 531 18.87 -12.82 -4.87
C PRO B 531 19.50 -11.70 -5.69
N ALA B 532 20.82 -11.70 -5.85
CA ALA B 532 21.46 -10.61 -6.60
C ALA B 532 21.01 -10.60 -8.05
N LYS B 533 21.04 -11.76 -8.71
CA LYS B 533 20.61 -11.82 -10.10
C LYS B 533 19.12 -11.53 -10.23
N ARG B 534 18.32 -12.05 -9.30
CA ARG B 534 16.89 -11.79 -9.30
C ARG B 534 16.58 -10.31 -9.19
N TYR B 535 17.23 -9.63 -8.24
CA TYR B 535 16.98 -8.21 -8.05
C TYR B 535 17.45 -7.39 -9.24
N GLU B 536 18.54 -7.80 -9.91
CA GLU B 536 18.98 -7.07 -11.09
C GLU B 536 17.96 -7.19 -12.22
N LYS B 537 17.35 -8.37 -12.38
CA LYS B 537 16.31 -8.53 -13.39
C LYS B 537 15.09 -7.67 -13.05
N TYR B 538 14.70 -7.63 -11.77
CA TYR B 538 13.59 -6.77 -11.39
C TYR B 538 13.95 -5.29 -11.55
N ALA B 539 15.22 -4.94 -11.40
CA ALA B 539 15.62 -3.56 -11.64
C ALA B 539 15.43 -3.18 -13.10
N ASP B 540 15.72 -4.09 -14.01
CA ASP B 540 15.50 -3.82 -15.43
C ASP B 540 14.01 -3.70 -15.73
N ILE B 541 13.18 -4.50 -15.04
CA ILE B 541 11.74 -4.41 -15.20
C ILE B 541 11.23 -3.06 -14.68
N GLN B 542 11.71 -2.62 -13.52
CA GLN B 542 11.35 -1.29 -13.03
C GLN B 542 11.76 -0.21 -14.02
N ALA B 543 12.95 -0.35 -14.61
CA ALA B 543 13.41 0.63 -15.59
C ALA B 543 12.48 0.68 -16.80
N TRP B 544 12.10 -0.50 -17.32
CA TRP B 544 11.14 -0.57 -18.42
C TRP B 544 9.87 0.19 -18.07
N LEU B 545 9.40 0.04 -16.84
CA LEU B 545 8.14 0.65 -16.44
C LEU B 545 8.26 2.16 -16.34
N ILE B 546 9.36 2.66 -15.78
CA ILE B 546 9.59 4.11 -15.74
C ILE B 546 9.58 4.67 -17.15
N ASP B 547 10.30 4.01 -18.06
CA ASP B 547 10.36 4.49 -19.44
C ASP B 547 8.99 4.48 -20.09
N SER B 548 8.19 3.44 -19.82
CA SER B 548 6.85 3.36 -20.39
C SER B 548 5.97 4.52 -19.94
N SER B 549 6.27 5.11 -18.78
CA SER B 549 5.45 6.17 -18.19
C SER B 549 3.99 5.75 -18.04
N LEU B 550 3.77 4.44 -17.89
CA LEU B 550 2.46 3.95 -17.49
C LEU B 550 2.17 4.26 -16.04
N VAL B 551 3.22 4.57 -15.27
CA VAL B 551 3.10 5.13 -13.93
C VAL B 551 3.96 6.39 -13.89
N LEU B 552 3.52 7.37 -13.11
CA LEU B 552 4.28 8.59 -12.88
C LEU B 552 4.54 8.65 -11.38
N PRO B 553 5.69 8.18 -10.91
CA PRO B 553 5.92 8.12 -9.46
C PRO B 553 5.79 9.49 -8.83
N SER B 554 5.18 9.53 -7.65
CA SER B 554 4.90 10.80 -7.00
C SER B 554 5.48 10.87 -5.59
N VAL B 555 4.80 10.27 -4.62
CA VAL B 555 5.09 10.48 -3.20
C VAL B 555 5.04 9.14 -2.46
N SER B 556 5.57 9.16 -1.23
CA SER B 556 5.46 8.05 -0.31
C SER B 556 4.59 8.46 0.86
N ARG B 557 4.34 7.50 1.76
CA ARG B 557 3.90 7.90 3.09
C ARG B 557 5.12 8.32 3.91
N GLY B 558 4.85 9.05 4.98
CA GLY B 558 5.93 9.56 5.80
C GLY B 558 6.57 10.80 5.20
N GLY B 559 7.60 11.29 5.88
CA GLY B 559 8.23 12.54 5.50
C GLY B 559 7.49 13.78 5.93
N THR B 560 6.60 13.68 6.90
CA THR B 560 5.65 14.73 7.24
C THR B 560 5.82 15.16 8.69
N PRO B 561 5.42 16.39 9.01
CA PRO B 561 5.59 16.91 10.37
C PRO B 561 4.42 16.59 11.28
N SER B 562 4.74 16.38 12.57
CA SER B 562 3.71 16.08 13.53
C SER B 562 4.11 16.58 14.92
N LEU B 563 3.11 16.69 15.79
CA LEU B 563 3.27 16.80 17.23
C LEU B 563 2.87 15.48 17.85
N ARG B 564 3.55 15.06 18.92
CA ARG B 564 3.38 13.70 19.44
C ARG B 564 3.42 13.63 20.95
N ARG B 565 2.49 12.85 21.52
CA ARG B 565 2.58 12.35 22.88
C ARG B 565 2.71 10.82 22.89
N THR B 566 3.18 10.26 21.79
CA THR B 566 3.53 8.85 21.75
C THR B 566 5.01 8.67 22.07
N VAL B 567 5.34 7.53 22.68
CA VAL B 567 6.73 7.22 23.01
C VAL B 567 7.50 6.87 21.74
N PRO B 568 8.59 7.57 21.45
CA PRO B 568 9.34 7.31 20.20
C PRO B 568 9.80 5.86 20.10
N PHE B 569 9.50 5.24 18.95
CA PHE B 569 10.00 3.93 18.57
C PHE B 569 9.54 2.80 19.46
N ALA B 570 8.41 2.98 20.14
CA ALA B 570 7.85 1.87 20.90
C ALA B 570 7.05 0.91 20.04
N ALA B 571 6.49 1.38 18.93
CA ALA B 571 5.55 0.60 18.15
C ALA B 571 6.27 -0.43 17.28
N ALA B 572 5.50 -1.35 16.72
CA ALA B 572 6.07 -2.29 15.76
C ALA B 572 6.35 -1.57 14.44
N TYR B 573 7.36 -2.07 13.74
CA TYR B 573 7.72 -1.55 12.43
C TYR B 573 7.91 -2.73 11.49
N GLY B 574 7.39 -2.59 10.28
CA GLY B 574 7.63 -3.59 9.26
C GLY B 574 7.88 -2.97 7.90
N LEU B 575 8.85 -3.51 7.17
CA LEU B 575 9.04 -3.05 5.79
C LEU B 575 7.88 -3.50 4.90
N THR B 576 7.29 -4.66 5.20
CA THR B 576 6.20 -5.22 4.41
C THR B 576 5.16 -5.82 5.34
N GLY B 577 3.95 -6.02 4.81
CA GLY B 577 2.89 -6.69 5.56
C GLY B 577 2.08 -5.73 6.42
N THR B 578 1.25 -6.34 7.28
CA THR B 578 0.21 -5.63 8.02
C THR B 578 0.42 -5.59 9.52
N LYS B 579 1.62 -5.89 10.01
CA LYS B 579 1.85 -6.02 11.45
C LYS B 579 2.87 -5.00 11.97
N GLY B 580 2.98 -3.86 11.31
CA GLY B 580 3.88 -2.82 11.77
C GLY B 580 3.10 -1.63 12.27
N VAL B 581 3.24 -0.49 11.59
CA VAL B 581 2.57 0.74 12.00
C VAL B 581 1.06 0.59 11.99
N GLU B 582 0.52 -0.37 11.23
CA GLU B 582 -0.92 -0.60 11.20
C GLU B 582 -1.45 -1.03 12.56
N SER B 583 -0.62 -1.65 13.38
CA SER B 583 -1.04 -2.26 14.63
C SER B 583 -0.78 -1.33 15.80
N TYR B 584 -1.74 -1.22 16.71
CA TYR B 584 -1.56 -0.46 17.94
C TYR B 584 -0.94 -1.28 19.06
N LYS B 585 -0.62 -2.55 18.81
CA LYS B 585 0.21 -3.31 19.72
C LYS B 585 1.57 -2.63 19.84
N TYR B 586 2.19 -2.76 21.02
CA TYR B 586 3.51 -2.20 21.32
C TYR B 586 3.53 -0.68 21.53
N LEU B 587 2.59 0.04 20.94
CA LEU B 587 2.59 1.51 21.04
C LEU B 587 2.36 1.94 22.48
N LYS B 588 3.08 3.00 22.89
CA LYS B 588 2.93 3.56 24.21
C LYS B 588 2.64 5.05 24.12
N VAL B 589 1.84 5.56 25.06
CA VAL B 589 1.54 6.98 25.15
C VAL B 589 2.14 7.55 26.43
N GLN B 590 2.36 8.87 26.43
CA GLN B 590 2.93 9.54 27.59
C GLN B 590 2.30 10.92 27.77
N ASP B 591 2.58 11.52 28.93
CA ASP B 591 2.05 12.84 29.23
C ASP B 591 2.80 13.95 28.50
N LYS B 592 4.11 13.85 28.40
CA LYS B 592 4.91 14.94 27.87
C LYS B 592 4.85 14.98 26.34
N ILE B 593 4.77 16.20 25.80
CA ILE B 593 4.94 16.37 24.36
C ILE B 593 6.40 16.14 24.01
N VAL B 594 6.66 15.18 23.11
CA VAL B 594 8.01 14.84 22.74
C VAL B 594 8.69 16.04 22.08
N THR B 595 9.97 16.25 22.38
CA THR B 595 10.72 17.29 21.69
C THR B 595 11.45 16.73 20.48
N THR B 596 11.79 17.64 19.56
CA THR B 596 12.57 17.25 18.39
C THR B 596 13.89 16.60 18.80
N ASP B 597 14.55 17.15 19.83
CA ASP B 597 15.82 16.59 20.29
C ASP B 597 15.63 15.22 20.92
N GLU B 598 14.57 15.04 21.72
CA GLU B 598 14.30 13.73 22.29
C GLU B 598 14.03 12.71 21.20
N TYR B 599 13.27 13.10 20.17
CA TYR B 599 12.99 12.18 19.09
C TYR B 599 14.26 11.81 18.33
N ALA B 600 15.14 12.78 18.09
CA ALA B 600 16.37 12.54 17.35
C ALA B 600 17.28 11.58 18.10
N LYS B 601 17.39 11.75 19.42
CA LYS B 601 18.17 10.82 20.23
C LYS B 601 17.58 9.41 20.13
N ALA B 602 16.26 9.30 20.21
CA ALA B 602 15.62 7.99 20.10
C ALA B 602 15.82 7.39 18.72
N ARG B 603 15.76 8.23 17.68
CA ARG B 603 15.94 7.74 16.32
C ARG B 603 17.35 7.19 16.10
N GLU B 604 18.36 7.88 16.62
CA GLU B 604 19.73 7.39 16.45
C GLU B 604 19.93 6.08 17.19
N LYS B 605 19.32 5.94 18.38
CA LYS B 605 19.38 4.69 19.11
C LYS B 605 18.69 3.57 18.33
N TRP B 606 17.52 3.87 17.76
CA TRP B 606 16.77 2.86 17.01
C TRP B 606 17.52 2.43 15.76
N LEU B 607 18.08 3.39 15.01
CA LEU B 607 18.86 3.03 13.83
C LEU B 607 20.00 2.08 14.17
N LYS B 608 20.70 2.37 15.27
CA LYS B 608 21.82 1.53 15.68
C LYS B 608 21.34 0.14 16.11
N GLU B 609 20.32 0.10 16.96
CA GLU B 609 19.81 -1.18 17.45
C GLU B 609 19.18 -2.00 16.33
N LYS B 610 18.61 -1.34 15.33
CA LYS B 610 18.01 -2.07 14.22
C LYS B 610 19.04 -2.91 13.48
N GLU B 611 20.22 -2.34 13.22
CA GLU B 611 21.26 -3.11 12.54
C GLU B 611 21.71 -4.29 13.38
N GLU B 612 21.90 -4.06 14.68
CA GLU B 612 22.32 -5.14 15.57
C GLU B 612 21.26 -6.23 15.62
N SER B 613 19.99 -5.83 15.74
CA SER B 613 18.91 -6.80 15.86
CA SER B 613 18.91 -6.81 15.87
C SER B 613 18.70 -7.57 14.56
N ASN B 614 18.86 -6.89 13.42
CA ASN B 614 18.73 -7.57 12.13
C ASN B 614 19.80 -8.64 11.97
N LYS B 615 21.04 -8.35 12.40
CA LYS B 615 22.10 -9.34 12.30
C LYS B 615 21.80 -10.55 13.17
N LYS B 616 21.31 -10.31 14.40
CA LYS B 616 20.93 -11.41 15.27
C LYS B 616 19.80 -12.22 14.66
N ALA B 617 18.82 -11.54 14.05
CA ALA B 617 17.69 -12.25 13.46
C ALA B 617 18.14 -13.15 12.31
N GLN B 618 19.15 -12.72 11.54
CA GLN B 618 19.69 -13.56 10.48
C GLN B 618 20.35 -14.81 11.04
N GLU B 619 21.04 -14.68 12.17
CA GLU B 619 21.66 -15.84 12.81
C GLU B 619 20.60 -16.79 13.35
N GLU B 620 19.50 -16.23 13.89
CA GLU B 620 18.44 -17.07 14.43
C GLU B 620 17.76 -17.89 13.33
N LEU B 621 17.81 -17.40 12.09
CA LEU B 621 17.12 -18.07 10.98
C LEU B 621 17.67 -19.47 10.75
N ALA B 622 18.99 -19.63 10.79
CA ALA B 622 19.60 -20.90 10.42
C ALA B 622 19.13 -22.05 11.31
N LYS B 623 18.74 -21.75 12.55
CA LYS B 623 18.29 -22.79 13.46
C LYS B 623 17.00 -23.45 12.99
N HIS B 624 16.28 -22.82 12.07
CA HIS B 624 14.97 -23.30 11.65
C HIS B 624 15.01 -24.20 10.42
N VAL B 625 16.18 -24.44 9.85
CA VAL B 625 16.28 -25.37 8.72
C VAL B 625 16.34 -26.81 9.24
N LYS B 626 15.38 -27.63 8.80
CA LYS B 626 15.32 -29.02 9.23
C LYS B 626 14.85 -29.91 8.09
#